data_7U8S
#
_entry.id   7U8S
#
_cell.length_a   56.060
_cell.length_b   59.950
_cell.length_c   77.660
_cell.angle_alpha   90.000
_cell.angle_beta   90.000
_cell.angle_gamma   90.000
#
_symmetry.space_group_name_H-M   'P 2 21 21'
#
loop_
_entity.id
_entity.type
_entity.pdbx_description
1 polymer 'Carbapenem-hydrolyzing beta-lactamase KPC'
2 non-polymer 3-fluoro-N-[(1R,3S)-3-(1H-tetrazol-5-yl)-2,3-dihydro-1H-inden-1-yl]benzamide
3 water water
#
_entity_poly.entity_id   1
_entity_poly.type   'polypeptide(L)'
_entity_poly.pdbx_seq_one_letter_code
;TNLVAEPFAKLEQDFGGSIGVYAMDTGSGATVSYRAEERFPLCSSFKGFLAAAVLARSQQQAGLLDTPIRYGKNALVPWS
PISEKYLTTGMTVAELSAAAVQYSDNAAANLLLKELGGPAGLTAFMRSIGDTTFRLDRWELELNSAIPGDARDTSSPRAV
TESLQKLTLGSALAAPQRQQFVDWLKGNTTGNHRIRAAVPADWAVGDKTGTCGVYGTANDYAVVWPTGRAPIVLAVYTRA
PNKDDKHSEAVIAAAARLALEGLGV
;
_entity_poly.pdbx_strand_id   A
#
loop_
_chem_comp.id
_chem_comp.type
_chem_comp.name
_chem_comp.formula
LW0 non-polymer 3-fluoro-N-[(1R,3S)-3-(1H-tetrazol-5-yl)-2,3-dihydro-1H-inden-1-yl]benzamide 'C17 H14 F N5 O'
#
# COMPACT_ATOMS: atom_id res chain seq x y z
N GLU A 6 5.96 23.82 -8.65
CA GLU A 6 5.42 23.96 -9.99
C GLU A 6 5.39 22.66 -10.83
N PRO A 7 6.38 21.75 -10.71
CA PRO A 7 6.33 20.55 -11.56
C PRO A 7 5.18 19.60 -11.20
N PHE A 8 4.83 19.44 -9.93
CA PHE A 8 3.68 18.58 -9.65
C PHE A 8 2.41 19.19 -10.22
N ALA A 9 2.28 20.52 -10.19
CA ALA A 9 1.05 21.11 -10.70
C ALA A 9 0.91 20.88 -12.20
N LYS A 10 1.99 21.08 -12.93
CA LYS A 10 1.97 20.78 -14.36
C LYS A 10 1.68 19.30 -14.61
N LEU A 11 2.32 18.42 -13.85
CA LEU A 11 2.09 17.00 -14.02
C LEU A 11 0.63 16.63 -13.80
N GLU A 12 0.05 17.08 -12.68
CA GLU A 12 -1.33 16.68 -12.44
C GLU A 12 -2.27 17.37 -13.43
N GLN A 13 -1.90 18.56 -13.92
CA GLN A 13 -2.75 19.22 -14.89
C GLN A 13 -2.73 18.49 -16.22
N ASP A 14 -1.56 17.99 -16.63
CA ASP A 14 -1.49 17.18 -17.85
C ASP A 14 -2.21 15.86 -17.66
N PHE A 15 -2.09 15.24 -16.48
CA PHE A 15 -2.84 14.04 -16.13
C PHE A 15 -4.35 14.27 -16.14
N GLY A 16 -4.81 15.44 -15.75
CA GLY A 16 -6.24 15.70 -15.72
C GLY A 16 -6.86 15.42 -14.37
N GLY A 17 -6.08 15.46 -13.31
CA GLY A 17 -6.64 15.21 -11.98
C GLY A 17 -5.75 15.74 -10.89
N SER A 18 -5.65 15.02 -9.79
CA SER A 18 -4.93 15.46 -8.59
C SER A 18 -3.88 14.41 -8.22
N ILE A 19 -2.68 14.88 -7.89
CA ILE A 19 -1.59 13.99 -7.48
C ILE A 19 -1.19 14.39 -6.08
N GLY A 20 -1.08 13.39 -5.18
CA GLY A 20 -0.68 13.65 -3.82
C GLY A 20 0.59 12.90 -3.51
N VAL A 21 1.58 13.60 -2.94
CA VAL A 21 2.92 13.05 -2.76
C VAL A 21 3.43 13.39 -1.36
N TYR A 22 4.00 12.41 -0.68
CA TYR A 22 4.78 12.69 0.52
C TYR A 22 6.01 11.81 0.48
N ALA A 23 7.16 12.41 0.70
CA ALA A 23 8.42 11.65 0.66
C ALA A 23 9.27 12.15 1.82
N MET A 24 9.92 11.22 2.51
CA MET A 24 10.73 11.54 3.68
C MET A 24 12.09 10.90 3.56
N ASP A 25 13.12 11.72 3.71
CA ASP A 25 14.48 11.21 3.89
C ASP A 25 14.65 10.90 5.36
N THR A 26 14.73 9.63 5.71
CA THR A 26 14.71 9.26 7.11
C THR A 26 16.01 9.53 7.81
N GLY A 27 17.04 10.00 7.07
CA GLY A 27 18.27 10.47 7.68
C GLY A 27 18.20 11.93 8.08
N SER A 28 18.05 12.80 7.08
CA SER A 28 18.04 14.25 7.26
C SER A 28 16.68 14.79 7.71
N GLY A 29 15.62 14.01 7.66
CA GLY A 29 14.28 14.55 7.84
C GLY A 29 13.80 15.48 6.75
N ALA A 30 14.56 15.67 5.66
CA ALA A 30 14.07 16.43 4.51
C ALA A 30 12.82 15.76 3.96
N THR A 31 11.86 16.59 3.51
CA THR A 31 10.57 16.08 3.04
C THR A 31 10.19 16.78 1.74
N VAL A 32 9.51 16.03 0.87
CA VAL A 32 8.81 16.57 -0.28
C VAL A 32 7.31 16.34 -0.04
N SER A 33 6.51 17.37 -0.31
CA SER A 33 5.11 17.30 0.05
C SER A 33 4.28 18.07 -0.96
N TYR A 34 3.21 17.45 -1.44
CA TYR A 34 2.34 18.09 -2.41
C TYR A 34 0.95 17.47 -2.22
N ARG A 35 -0.05 18.26 -1.83
CA ARG A 35 -1.38 17.72 -1.50
C ARG A 35 -1.30 16.58 -0.48
N ALA A 36 -0.34 16.63 0.43
CA ALA A 36 -0.07 15.47 1.28
C ALA A 36 -1.12 15.24 2.36
N GLU A 37 -2.00 16.21 2.64
CA GLU A 37 -3.09 16.02 3.60
C GLU A 37 -4.38 15.57 2.94
N GLU A 38 -4.48 15.56 1.62
CA GLU A 38 -5.78 15.27 1.04
C GLU A 38 -6.02 13.80 1.15
N ARG A 39 -7.31 13.42 1.25
CA ARG A 39 -7.65 12.01 1.19
C ARG A 39 -7.68 11.49 -0.24
N PHE A 40 -7.17 10.29 -0.42
CA PHE A 40 -7.23 9.54 -1.66
C PHE A 40 -7.67 8.13 -1.35
N PRO A 41 -8.40 7.48 -2.26
CA PRO A 41 -8.76 6.06 -2.06
C PRO A 41 -7.50 5.20 -1.95
N LEU A 42 -7.54 4.31 -0.96
CA LEU A 42 -6.47 3.34 -0.78
C LEU A 42 -6.41 2.34 -1.91
N CYS A 43 -7.57 1.94 -2.45
CA CYS A 43 -7.65 0.79 -3.37
C CYS A 43 -6.87 -0.40 -2.82
N SER A 44 -6.17 -1.17 -3.67
CA SER A 44 -5.48 -2.32 -3.11
C SER A 44 -4.33 -1.94 -2.19
N SER A 45 -3.96 -0.67 -2.10
CA SER A 45 -2.80 -0.39 -1.26
C SER A 45 -3.07 -0.68 0.21
N PHE A 46 -4.34 -0.87 0.63
CA PHE A 46 -4.55 -1.20 2.03
C PHE A 46 -3.94 -2.55 2.38
N LYS A 47 -3.68 -3.40 1.38
CA LYS A 47 -3.26 -4.77 1.67
C LYS A 47 -1.87 -4.80 2.30
N GLY A 48 -1.01 -3.80 2.02
CA GLY A 48 0.26 -3.76 2.73
C GLY A 48 0.02 -3.63 4.22
N PHE A 49 -0.82 -2.67 4.59
CA PHE A 49 -1.10 -2.46 6.02
C PHE A 49 -1.84 -3.62 6.64
N LEU A 50 -2.67 -4.29 5.86
CA LEU A 50 -3.31 -5.53 6.33
C LEU A 50 -2.26 -6.58 6.71
N ALA A 51 -1.27 -6.81 5.83
CA ALA A 51 -0.23 -7.78 6.18
C ALA A 51 0.51 -7.36 7.44
N ALA A 52 0.80 -6.07 7.59
CA ALA A 52 1.49 -5.58 8.78
C ALA A 52 0.68 -5.88 10.03
N ALA A 53 -0.66 -5.70 9.94
CA ALA A 53 -1.57 -5.98 11.05
C ALA A 53 -1.56 -7.46 11.40
N VAL A 54 -1.65 -8.33 10.38
CA VAL A 54 -1.50 -9.77 10.59
C VAL A 54 -0.19 -10.05 11.31
N LEU A 55 0.91 -9.43 10.84
CA LEU A 55 2.20 -9.66 11.47
C LEU A 55 2.17 -9.25 12.94
N ALA A 56 1.56 -8.10 13.24
CA ALA A 56 1.48 -7.65 14.62
C ALA A 56 0.69 -8.63 15.47
N ARG A 57 -0.33 -9.29 14.90
CA ARG A 57 -1.06 -10.35 15.61
C ARG A 57 -0.18 -11.57 15.89
N SER A 58 0.68 -11.93 14.93
CA SER A 58 1.58 -13.05 15.17
C SER A 58 2.52 -12.78 16.34
N GLN A 59 2.68 -11.52 16.74
CA GLN A 59 3.50 -11.27 17.91
C GLN A 59 2.83 -11.73 19.21
N GLN A 60 1.59 -12.24 19.15
CA GLN A 60 0.90 -12.74 20.33
C GLN A 60 0.23 -14.09 20.13
N GLN A 61 0.32 -14.69 18.93
CA GLN A 61 -0.28 -15.99 18.64
C GLN A 61 0.76 -16.81 17.88
N ALA A 62 1.48 -17.68 18.59
CA ALA A 62 2.56 -18.43 17.97
C ALA A 62 2.01 -19.28 16.82
N GLY A 63 2.81 -19.43 15.78
CA GLY A 63 2.37 -20.18 14.63
C GLY A 63 1.10 -19.67 13.97
N LEU A 64 0.74 -18.41 14.22
CA LEU A 64 -0.35 -17.82 13.46
C LEU A 64 -0.01 -17.81 11.97
N LEU A 65 1.23 -17.40 11.64
CA LEU A 65 1.63 -17.31 10.23
C LEU A 65 1.57 -18.65 9.51
N ASP A 66 1.88 -19.75 10.19
CA ASP A 66 1.78 -21.09 9.62
C ASP A 66 0.40 -21.70 9.76
N THR A 67 -0.50 -21.07 10.50
CA THR A 67 -1.87 -21.58 10.60
C THR A 67 -2.49 -21.69 9.22
N PRO A 68 -2.93 -22.86 8.80
CA PRO A 68 -3.59 -22.99 7.50
C PRO A 68 -5.02 -22.47 7.52
N ILE A 69 -5.44 -21.89 6.40
CA ILE A 69 -6.79 -21.38 6.22
C ILE A 69 -7.40 -22.05 5.01
N ARG A 70 -8.47 -22.80 5.22
CA ARG A 70 -9.19 -23.42 4.11
C ARG A 70 -10.38 -22.56 3.70
N TYR A 71 -10.76 -22.64 2.43
CA TYR A 71 -11.78 -21.77 1.88
C TYR A 71 -12.35 -22.43 0.65
N GLY A 72 -13.57 -22.03 0.29
CA GLY A 72 -14.30 -22.63 -0.81
C GLY A 72 -14.46 -21.64 -1.94
N LYS A 73 -15.13 -22.11 -3.00
CA LYS A 73 -15.39 -21.27 -4.16
C LYS A 73 -15.98 -19.92 -3.77
N ASN A 74 -16.76 -19.89 -2.67
CA ASN A 74 -17.41 -18.65 -2.25
C ASN A 74 -16.42 -17.60 -1.77
N ALA A 75 -15.23 -18.02 -1.29
CA ALA A 75 -14.23 -17.04 -0.87
C ALA A 75 -13.54 -16.37 -2.05
N LEU A 76 -13.64 -16.94 -3.24
CA LEU A 76 -12.93 -16.37 -4.38
C LEU A 76 -13.58 -15.08 -4.83
N VAL A 77 -12.74 -14.09 -5.13
CA VAL A 77 -13.13 -12.77 -5.61
C VAL A 77 -12.42 -12.52 -6.94
N PRO A 78 -13.00 -11.75 -7.87
CA PRO A 78 -12.27 -11.37 -9.07
C PRO A 78 -10.87 -10.86 -8.75
N TRP A 79 -9.92 -11.24 -9.60
CA TRP A 79 -8.50 -11.09 -9.34
C TRP A 79 -8.10 -11.74 -8.02
N SER A 80 -8.00 -13.06 -8.05
CA SER A 80 -7.47 -13.85 -6.94
C SER A 80 -6.45 -14.82 -7.53
N PRO A 81 -5.41 -14.28 -8.16
CA PRO A 81 -4.55 -15.12 -9.01
C PRO A 81 -3.73 -16.14 -8.26
N ILE A 82 -3.43 -15.93 -6.99
CA ILE A 82 -2.77 -16.97 -6.22
C ILE A 82 -3.78 -17.87 -5.54
N SER A 83 -4.74 -17.28 -4.81
CA SER A 83 -5.60 -18.09 -3.96
C SER A 83 -6.42 -19.07 -4.79
N GLU A 84 -6.76 -18.73 -6.03
CA GLU A 84 -7.62 -19.60 -6.83
C GLU A 84 -6.92 -20.90 -7.22
N LYS A 85 -5.58 -20.89 -7.36
CA LYS A 85 -4.85 -22.14 -7.58
C LYS A 85 -4.75 -23.03 -6.36
N TYR A 86 -5.09 -22.54 -5.18
CA TYR A 86 -5.11 -23.41 -4.03
C TYR A 86 -6.52 -23.57 -3.48
N LEU A 87 -7.55 -23.34 -4.31
CA LEU A 87 -8.94 -23.45 -3.86
C LEU A 87 -9.25 -24.85 -3.41
N THR A 88 -8.85 -25.84 -4.22
CA THR A 88 -9.07 -27.22 -3.83
C THR A 88 -8.18 -27.67 -2.69
N THR A 89 -7.29 -26.81 -2.17
CA THR A 89 -6.28 -27.28 -1.20
C THR A 89 -6.25 -26.47 0.10
N GLY A 90 -6.28 -25.13 0.03
CA GLY A 90 -6.08 -24.24 1.17
C GLY A 90 -4.71 -23.56 1.13
N MET A 91 -4.56 -22.51 1.96
CA MET A 91 -3.28 -21.76 2.08
C MET A 91 -3.02 -21.35 3.51
N THR A 92 -1.74 -21.08 3.84
CA THR A 92 -1.41 -20.57 5.16
C THR A 92 -1.64 -19.07 5.26
N VAL A 93 -1.72 -18.60 6.52
CA VAL A 93 -1.87 -17.17 6.79
C VAL A 93 -0.74 -16.38 6.12
N ALA A 94 0.52 -16.83 6.28
CA ALA A 94 1.65 -16.10 5.69
C ALA A 94 1.57 -16.11 4.17
N GLU A 95 1.09 -17.23 3.60
CA GLU A 95 0.91 -17.39 2.15
C GLU A 95 -0.16 -16.43 1.64
N LEU A 96 -1.29 -16.35 2.35
CA LEU A 96 -2.31 -15.35 2.05
C LEU A 96 -1.75 -13.94 2.12
N SER A 97 -0.96 -13.64 3.13
CA SER A 97 -0.47 -12.28 3.25
C SER A 97 0.47 -11.97 2.10
N ALA A 98 1.35 -12.90 1.77
CA ALA A 98 2.27 -12.59 0.68
C ALA A 98 1.50 -12.43 -0.62
N ALA A 99 0.43 -13.20 -0.79
CA ALA A 99 -0.38 -13.08 -1.99
C ALA A 99 -1.06 -11.73 -2.03
N ALA A 100 -1.63 -11.32 -0.91
CA ALA A 100 -2.26 -9.99 -0.85
C ALA A 100 -1.27 -8.87 -1.17
N VAL A 101 -0.08 -8.89 -0.54
CA VAL A 101 0.92 -7.83 -0.80
C VAL A 101 1.48 -7.93 -2.23
N GLN A 102 1.90 -9.14 -2.66
CA GLN A 102 2.76 -9.27 -3.83
C GLN A 102 2.00 -9.45 -5.14
N TYR A 103 0.74 -9.87 -5.06
CA TYR A 103 -0.09 -10.02 -6.25
C TYR A 103 -1.42 -9.30 -6.08
N SER A 104 -1.60 -8.62 -4.98
CA SER A 104 -2.82 -7.86 -4.73
C SER A 104 -4.03 -8.81 -4.73
N ASP A 105 -3.82 -10.03 -4.24
CA ASP A 105 -4.85 -11.06 -4.29
C ASP A 105 -6.09 -10.70 -3.45
N ASN A 106 -7.25 -10.62 -4.10
CA ASN A 106 -8.45 -10.10 -3.43
C ASN A 106 -9.05 -11.13 -2.48
N ALA A 107 -9.16 -12.41 -2.89
CA ALA A 107 -9.66 -13.40 -1.95
C ALA A 107 -8.77 -13.47 -0.72
N ALA A 108 -7.45 -13.43 -0.92
CA ALA A 108 -6.57 -13.52 0.24
C ALA A 108 -6.77 -12.34 1.17
N ALA A 109 -6.97 -11.15 0.61
CA ALA A 109 -7.17 -9.96 1.42
C ALA A 109 -8.45 -10.09 2.27
N ASN A 110 -9.55 -10.51 1.65
CA ASN A 110 -10.80 -10.64 2.40
C ASN A 110 -10.73 -11.73 3.47
N LEU A 111 -10.00 -12.82 3.20
CA LEU A 111 -9.83 -13.83 4.24
C LEU A 111 -9.05 -13.31 5.44
N LEU A 112 -7.99 -12.53 5.20
CA LEU A 112 -7.23 -12.00 6.31
C LEU A 112 -8.01 -10.91 7.03
N LEU A 113 -8.83 -10.17 6.29
CA LEU A 113 -9.69 -9.16 6.90
C LEU A 113 -10.64 -9.79 7.90
N LYS A 114 -11.25 -10.92 7.52
CA LYS A 114 -12.13 -11.68 8.43
C LYS A 114 -11.40 -12.06 9.71
N GLU A 115 -10.19 -12.61 9.59
CA GLU A 115 -9.40 -12.95 10.78
C GLU A 115 -9.10 -11.75 11.68
N LEU A 116 -9.14 -10.53 11.15
CA LEU A 116 -8.78 -9.36 11.93
C LEU A 116 -10.00 -8.63 12.47
N GLY A 117 -11.20 -9.14 12.20
CA GLY A 117 -12.41 -8.45 12.60
C GLY A 117 -12.90 -7.44 11.60
N GLY A 118 -12.56 -7.58 10.32
CA GLY A 118 -13.12 -6.75 9.27
C GLY A 118 -12.40 -5.42 9.15
N PRO A 119 -12.96 -4.53 8.34
CA PRO A 119 -12.32 -3.19 8.13
C PRO A 119 -12.10 -2.42 9.39
N ALA A 120 -13.04 -2.50 10.35
CA ALA A 120 -12.83 -1.76 11.57
C ALA A 120 -11.69 -2.33 12.37
N GLY A 121 -11.43 -3.63 12.24
CA GLY A 121 -10.27 -4.19 12.94
C GLY A 121 -8.94 -3.75 12.38
N LEU A 122 -8.84 -3.64 11.07
CA LEU A 122 -7.60 -3.07 10.49
C LEU A 122 -7.47 -1.60 10.84
N THR A 123 -8.57 -0.84 10.79
CA THR A 123 -8.50 0.55 11.23
C THR A 123 -8.03 0.63 12.68
N ALA A 124 -8.54 -0.27 13.55
CA ALA A 124 -8.06 -0.27 14.93
C ALA A 124 -6.55 -0.48 15.00
N PHE A 125 -5.99 -1.35 14.15
CA PHE A 125 -4.55 -1.57 14.21
C PHE A 125 -3.80 -0.29 13.83
N MET A 126 -4.26 0.39 12.78
CA MET A 126 -3.65 1.66 12.42
C MET A 126 -3.77 2.72 13.52
N ARG A 127 -4.91 2.81 14.18
CA ARG A 127 -4.99 3.72 15.31
C ARG A 127 -3.95 3.37 16.37
N SER A 128 -3.69 2.07 16.56
CA SER A 128 -2.75 1.64 17.59
C SER A 128 -1.33 2.07 17.31
N ILE A 129 -0.97 2.32 16.05
CA ILE A 129 0.38 2.80 15.75
C ILE A 129 0.44 4.31 15.60
N GLY A 130 -0.66 5.02 15.92
CA GLY A 130 -0.64 6.47 15.90
C GLY A 130 -1.23 7.10 14.65
N ASP A 131 -1.81 6.29 13.75
CA ASP A 131 -2.39 6.79 12.52
C ASP A 131 -3.85 7.13 12.75
N THR A 132 -4.17 8.45 12.80
CA THR A 132 -5.55 8.94 12.97
C THR A 132 -6.26 9.22 11.64
N THR A 133 -5.61 9.01 10.51
CA THR A 133 -6.16 9.36 9.22
C THR A 133 -6.72 8.16 8.47
N PHE A 134 -5.96 7.06 8.45
CA PHE A 134 -6.37 5.84 7.78
C PHE A 134 -7.78 5.41 8.15
N ARG A 135 -8.58 5.07 7.17
CA ARG A 135 -9.78 4.30 7.52
C ARG A 135 -10.08 3.31 6.42
N LEU A 136 -10.38 2.04 6.82
CA LEU A 136 -11.00 1.08 5.92
C LEU A 136 -12.41 0.86 6.41
N ASP A 137 -13.35 0.84 5.46
CA ASP A 137 -14.78 0.73 5.74
C ASP A 137 -15.43 -0.49 5.10
N ARG A 138 -14.94 -0.93 3.96
CA ARG A 138 -15.55 -1.97 3.14
C ARG A 138 -14.51 -3.02 2.78
N TRP A 139 -15.03 -4.07 2.12
CA TRP A 139 -14.23 -5.22 1.67
C TRP A 139 -13.98 -5.15 0.18
N GLU A 140 -13.17 -6.11 -0.32
CA GLU A 140 -13.07 -6.26 -1.77
C GLU A 140 -14.34 -6.90 -2.31
N LEU A 141 -14.89 -6.38 -3.40
CA LEU A 141 -14.32 -5.31 -4.20
C LEU A 141 -14.88 -3.91 -3.95
N GLU A 142 -15.92 -3.79 -3.10
CA GLU A 142 -16.64 -2.52 -2.97
C GLU A 142 -15.74 -1.37 -2.52
N LEU A 143 -14.66 -1.69 -1.82
CA LEU A 143 -13.83 -0.57 -1.33
C LEU A 143 -13.16 0.21 -2.46
N ASN A 144 -13.28 -0.20 -3.74
CA ASN A 144 -12.61 0.48 -4.84
C ASN A 144 -13.47 1.55 -5.51
N SER A 145 -14.64 1.89 -4.96
CA SER A 145 -15.56 2.75 -5.71
C SER A 145 -14.99 4.15 -5.94
N ALA A 146 -14.14 4.64 -5.04
CA ALA A 146 -13.33 5.85 -5.31
C ALA A 146 -14.20 7.08 -5.58
N ILE A 147 -15.34 7.18 -4.89
CA ILE A 147 -16.31 8.26 -5.18
C ILE A 147 -15.74 9.60 -4.71
N PRO A 148 -15.81 10.65 -5.51
CA PRO A 148 -15.20 11.94 -5.10
C PRO A 148 -15.82 12.48 -3.82
N GLY A 149 -14.93 12.83 -2.89
CA GLY A 149 -15.32 13.35 -1.59
C GLY A 149 -15.74 12.32 -0.56
N ASP A 150 -15.79 11.05 -0.94
CA ASP A 150 -16.13 9.99 0.00
C ASP A 150 -14.89 9.67 0.81
N ALA A 151 -14.95 9.80 2.14
CA ALA A 151 -13.81 9.44 2.98
C ALA A 151 -13.68 7.95 3.25
N ARG A 152 -14.69 7.12 2.96
CA ARG A 152 -14.53 5.68 3.16
C ARG A 152 -13.30 5.16 2.42
N ASP A 153 -12.56 4.25 3.07
CA ASP A 153 -11.47 3.51 2.39
C ASP A 153 -10.46 4.47 1.80
N THR A 154 -10.08 5.45 2.61
CA THR A 154 -9.07 6.48 2.23
C THR A 154 -8.00 6.67 3.28
N SER A 155 -6.87 7.22 2.80
CA SER A 155 -5.94 7.85 3.72
C SER A 155 -5.31 9.05 3.00
N SER A 156 -4.32 9.66 3.62
CA SER A 156 -3.57 10.78 3.02
C SER A 156 -2.15 10.32 2.67
N PRO A 157 -1.49 10.97 1.69
CA PRO A 157 -0.09 10.58 1.40
C PRO A 157 0.80 10.68 2.62
N ARG A 158 0.61 11.73 3.43
CA ARG A 158 1.46 11.87 4.61
C ARG A 158 1.23 10.74 5.60
N ALA A 159 -0.04 10.42 5.89
CA ALA A 159 -0.30 9.35 6.87
C ALA A 159 0.16 7.97 6.37
N VAL A 160 -0.02 7.68 5.08
CA VAL A 160 0.54 6.44 4.52
C VAL A 160 2.07 6.41 4.71
N THR A 161 2.78 7.50 4.40
CA THR A 161 4.24 7.44 4.52
C THR A 161 4.66 7.33 5.97
N GLU A 162 3.98 8.05 6.86
CA GLU A 162 4.32 8.00 8.28
C GLU A 162 4.10 6.59 8.83
N SER A 163 2.95 5.98 8.53
CA SER A 163 2.70 4.61 9.00
C SER A 163 3.65 3.62 8.37
N LEU A 164 3.99 3.81 7.09
CA LEU A 164 4.90 2.88 6.45
C LEU A 164 6.26 2.94 7.15
N GLN A 165 6.70 4.15 7.50
CA GLN A 165 7.99 4.31 8.18
C GLN A 165 7.97 3.59 9.52
N LYS A 166 6.92 3.79 10.31
CA LYS A 166 6.80 3.11 11.60
C LYS A 166 6.88 1.60 11.46
N LEU A 167 6.29 1.06 10.39
CA LEU A 167 6.14 -0.38 10.29
C LEU A 167 7.38 -1.04 9.70
N THR A 168 8.07 -0.35 8.82
CA THR A 168 9.22 -0.94 8.13
C THR A 168 10.57 -0.53 8.73
N LEU A 169 10.66 0.64 9.36
CA LEU A 169 11.92 1.16 9.90
C LEU A 169 11.89 1.52 11.38
N GLY A 170 10.72 1.84 11.95
CA GLY A 170 10.60 2.15 13.37
C GLY A 170 10.30 0.91 14.19
N SER A 171 9.57 1.09 15.29
CA SER A 171 9.37 0.01 16.25
C SER A 171 7.92 -0.45 16.38
N ALA A 172 7.06 -0.19 15.40
CA ALA A 172 5.68 -0.66 15.50
C ALA A 172 5.60 -2.18 15.42
N LEU A 173 6.52 -2.80 14.69
CA LEU A 173 6.59 -4.25 14.65
C LEU A 173 7.87 -4.67 15.34
N ALA A 174 7.85 -5.91 15.84
CA ALA A 174 9.07 -6.53 16.32
C ALA A 174 9.99 -6.83 15.14
N ALA A 175 11.29 -6.89 15.42
CA ALA A 175 12.28 -7.01 14.34
C ALA A 175 12.04 -8.18 13.39
N PRO A 176 11.77 -9.41 13.86
CA PRO A 176 11.46 -10.49 12.88
C PRO A 176 10.28 -10.18 11.98
N GLN A 177 9.17 -9.70 12.56
CA GLN A 177 8.00 -9.33 11.77
C GLN A 177 8.28 -8.11 10.91
N ARG A 178 9.05 -7.16 11.42
CA ARG A 178 9.44 -6.00 10.63
C ARG A 178 10.19 -6.43 9.37
N GLN A 179 11.16 -7.36 9.51
CA GLN A 179 11.88 -7.81 8.33
C GLN A 179 11.00 -8.66 7.43
N GLN A 180 10.04 -9.40 8.00
CA GLN A 180 9.12 -10.11 7.12
C GLN A 180 8.28 -9.13 6.29
N PHE A 181 7.83 -8.05 6.91
CA PHE A 181 7.03 -7.06 6.18
C PHE A 181 7.84 -6.49 5.04
N VAL A 182 9.07 -6.07 5.34
CA VAL A 182 10.01 -5.57 4.34
C VAL A 182 10.20 -6.59 3.23
N ASP A 183 10.38 -7.86 3.61
CA ASP A 183 10.65 -8.85 2.57
C ASP A 183 9.43 -9.07 1.68
N TRP A 184 8.22 -9.06 2.25
CA TRP A 184 7.02 -9.12 1.42
C TRP A 184 6.95 -7.94 0.44
N LEU A 185 7.20 -6.72 0.92
CA LEU A 185 7.15 -5.57 0.04
C LEU A 185 8.24 -5.64 -1.03
N LYS A 186 9.42 -6.14 -0.67
CA LYS A 186 10.49 -6.23 -1.67
C LYS A 186 10.10 -7.16 -2.79
N GLY A 187 9.39 -8.24 -2.44
CA GLY A 187 8.95 -9.19 -3.44
C GLY A 187 7.71 -8.83 -4.22
N ASN A 188 7.19 -7.61 -4.08
CA ASN A 188 5.99 -7.28 -4.85
C ASN A 188 6.23 -7.41 -6.35
N THR A 189 5.22 -7.89 -7.08
CA THR A 189 5.29 -8.04 -8.53
C THR A 189 4.48 -7.03 -9.33
N THR A 190 3.70 -6.14 -8.68
CA THR A 190 2.74 -5.33 -9.42
C THR A 190 3.19 -3.89 -9.63
N GLY A 191 4.42 -3.56 -9.23
CA GLY A 191 4.81 -2.17 -9.12
C GLY A 191 5.95 -1.79 -10.05
N ASN A 192 6.27 -2.59 -11.06
CA ASN A 192 7.46 -2.30 -11.84
C ASN A 192 7.36 -1.01 -12.63
N HIS A 193 6.16 -0.53 -12.93
CA HIS A 193 6.01 0.68 -13.71
C HIS A 193 5.63 1.88 -12.87
N ARG A 194 5.72 1.77 -11.54
CA ARG A 194 5.36 2.89 -10.66
C ARG A 194 6.61 3.43 -9.94
N ILE A 195 6.62 3.42 -8.60
CA ILE A 195 7.74 4.06 -7.93
C ILE A 195 9.07 3.38 -8.34
N ARG A 196 9.05 2.05 -8.51
CA ARG A 196 10.26 1.31 -8.87
C ARG A 196 10.89 1.84 -10.14
N ALA A 197 10.07 2.28 -11.10
CA ALA A 197 10.61 2.78 -12.37
C ALA A 197 11.42 4.07 -12.21
N ALA A 198 11.28 4.75 -11.08
CA ALA A 198 12.01 5.96 -10.78
C ALA A 198 13.20 5.73 -9.87
N VAL A 199 13.33 4.53 -9.32
CA VAL A 199 14.31 4.26 -8.28
C VAL A 199 15.57 3.76 -8.99
N PRO A 200 16.74 4.31 -8.66
CA PRO A 200 17.98 3.76 -9.22
C PRO A 200 18.02 2.25 -9.09
N ALA A 201 18.48 1.63 -10.17
CA ALA A 201 18.48 0.18 -10.33
C ALA A 201 19.19 -0.57 -9.21
N ASP A 202 20.27 -0.04 -8.62
CA ASP A 202 21.02 -0.82 -7.64
C ASP A 202 20.59 -0.50 -6.20
N TRP A 203 19.45 0.17 -6.03
CA TRP A 203 18.91 0.46 -4.69
C TRP A 203 17.86 -0.58 -4.38
N ALA A 204 17.75 -0.98 -3.10
CA ALA A 204 16.70 -1.92 -2.71
C ALA A 204 15.37 -1.18 -2.51
N VAL A 205 14.27 -1.85 -2.84
CA VAL A 205 12.95 -1.20 -2.79
C VAL A 205 11.86 -2.24 -2.54
N GLY A 206 10.90 -1.86 -1.68
CA GLY A 206 9.69 -2.66 -1.50
C GLY A 206 8.50 -1.70 -1.62
N ASP A 207 7.44 -2.17 -2.27
CA ASP A 207 6.31 -1.27 -2.48
C ASP A 207 5.01 -2.07 -2.41
N LYS A 208 3.90 -1.33 -2.38
CA LYS A 208 2.55 -1.89 -2.49
C LYS A 208 1.71 -0.95 -3.34
N THR A 209 1.11 -1.46 -4.39
CA THR A 209 0.30 -0.67 -5.32
C THR A 209 -1.17 -0.71 -5.00
N GLY A 210 -1.90 0.24 -5.60
CA GLY A 210 -3.35 0.27 -5.54
C GLY A 210 -3.90 0.79 -6.86
N THR A 211 -4.96 0.17 -7.38
CA THR A 211 -5.60 0.64 -8.61
C THR A 211 -7.09 0.41 -8.49
N CYS A 212 -7.85 1.48 -8.39
CA CYS A 212 -9.28 1.35 -8.19
C CYS A 212 -10.07 1.06 -9.47
N GLY A 213 -9.61 1.47 -10.63
CA GLY A 213 -10.32 1.14 -11.85
C GLY A 213 -11.33 2.18 -12.31
N VAL A 214 -11.50 3.25 -11.55
CA VAL A 214 -12.37 4.38 -11.87
C VAL A 214 -11.77 5.68 -11.34
N TYR A 215 -12.32 6.77 -11.81
CA TYR A 215 -11.93 8.10 -11.32
C TYR A 215 -10.42 8.32 -11.31
N GLY A 216 -9.72 7.81 -12.35
CA GLY A 216 -8.28 8.05 -12.49
C GLY A 216 -7.50 7.71 -11.24
N THR A 217 -7.97 6.71 -10.47
CA THR A 217 -7.49 6.55 -9.10
C THR A 217 -6.55 5.36 -9.00
N ALA A 218 -5.29 5.64 -8.67
CA ALA A 218 -4.27 4.60 -8.55
C ALA A 218 -3.12 5.16 -7.72
N ASN A 219 -2.28 4.27 -7.18
CA ASN A 219 -1.29 4.71 -6.21
C ASN A 219 -0.20 3.67 -6.01
N ASP A 220 0.79 4.07 -5.19
CA ASP A 220 1.92 3.25 -4.83
C ASP A 220 2.58 3.88 -3.62
N TYR A 221 3.08 3.07 -2.69
CA TYR A 221 3.97 3.57 -1.65
C TYR A 221 5.14 2.61 -1.53
N ALA A 222 6.28 3.13 -1.09
CA ALA A 222 7.52 2.35 -1.16
C ALA A 222 8.41 2.75 -0.02
N VAL A 223 9.26 1.84 0.39
CA VAL A 223 10.43 2.14 1.19
C VAL A 223 11.62 1.82 0.31
N VAL A 224 12.57 2.74 0.28
CA VAL A 224 13.73 2.69 -0.62
C VAL A 224 15.00 2.72 0.22
N TRP A 225 15.94 1.82 -0.09
CA TRP A 225 17.24 1.82 0.59
C TRP A 225 18.32 2.20 -0.40
N PRO A 226 18.67 3.49 -0.51
CA PRO A 226 19.85 3.86 -1.29
C PRO A 226 21.06 3.22 -0.63
N THR A 227 22.15 3.20 -1.36
CA THR A 227 23.42 2.76 -0.79
C THR A 227 24.10 3.97 -0.15
N GLY A 228 24.72 3.77 0.98
CA GLY A 228 25.39 4.89 1.63
C GLY A 228 24.63 6.17 1.98
N ARG A 229 23.32 6.12 2.03
CA ARG A 229 22.54 7.14 2.73
C ARG A 229 21.33 6.44 3.35
N ALA A 230 20.61 7.17 4.20
CA ALA A 230 19.54 6.56 4.95
C ALA A 230 18.34 6.29 4.04
N PRO A 231 17.45 5.39 4.45
CA PRO A 231 16.31 5.03 3.60
C PRO A 231 15.34 6.18 3.39
N ILE A 232 14.60 6.08 2.30
CA ILE A 232 13.60 7.07 1.92
C ILE A 232 12.25 6.37 1.93
N VAL A 233 11.22 7.06 2.43
CA VAL A 233 9.87 6.50 2.41
C VAL A 233 9.00 7.46 1.62
N LEU A 234 8.12 6.93 0.77
CA LEU A 234 7.30 7.86 -0.01
C LEU A 234 6.02 7.19 -0.47
N ALA A 235 5.02 8.04 -0.75
CA ALA A 235 3.71 7.59 -1.19
C ALA A 235 3.31 8.51 -2.33
N VAL A 236 2.74 7.96 -3.39
CA VAL A 236 2.22 8.73 -4.53
C VAL A 236 0.80 8.23 -4.81
N TYR A 237 -0.20 9.11 -4.63
CA TYR A 237 -1.60 8.77 -4.83
C TYR A 237 -2.19 9.69 -5.90
N THR A 238 -3.07 9.15 -6.78
CA THR A 238 -3.76 9.97 -7.77
C THR A 238 -5.28 9.72 -7.70
N ARG A 239 -6.02 10.73 -8.14
CA ARG A 239 -7.42 10.60 -8.48
C ARG A 239 -7.75 11.63 -9.53
N ALA A 240 -8.95 11.52 -10.08
CA ALA A 240 -9.39 12.45 -11.12
C ALA A 240 -10.89 12.67 -10.95
N PRO A 241 -11.43 13.75 -11.50
CA PRO A 241 -12.79 14.14 -11.17
C PRO A 241 -13.88 13.28 -11.82
N ASN A 242 -13.59 12.68 -12.99
CA ASN A 242 -14.62 11.98 -13.77
C ASN A 242 -14.52 10.46 -13.64
N LYS A 243 -15.67 9.79 -13.62
CA LYS A 243 -15.66 8.35 -13.38
C LYS A 243 -14.88 7.63 -14.47
N ASP A 244 -14.97 8.10 -15.69
CA ASP A 244 -14.30 7.43 -16.82
C ASP A 244 -12.87 7.84 -17.01
N ASP A 245 -12.36 8.75 -16.19
CA ASP A 245 -10.94 9.13 -16.29
C ASP A 245 -10.09 7.93 -15.98
N LYS A 246 -9.03 7.73 -16.76
CA LYS A 246 -8.19 6.57 -16.55
C LYS A 246 -6.97 6.94 -15.71
N HIS A 247 -6.52 5.99 -14.89
CA HIS A 247 -5.28 6.25 -14.19
C HIS A 247 -4.09 6.17 -15.14
N SER A 248 -2.92 6.55 -14.62
CA SER A 248 -1.69 6.49 -15.40
C SER A 248 -0.54 6.00 -14.55
N GLU A 249 0.08 4.88 -14.95
CA GLU A 249 1.26 4.46 -14.21
C GLU A 249 2.43 5.39 -14.47
N ALA A 250 2.58 5.89 -15.71
CA ALA A 250 3.63 6.84 -16.04
C ALA A 250 3.57 8.09 -15.17
N VAL A 251 2.36 8.55 -14.85
CA VAL A 251 2.22 9.72 -13.99
C VAL A 251 2.76 9.40 -12.60
N ILE A 252 2.49 8.18 -12.10
CA ILE A 252 2.97 7.82 -10.77
C ILE A 252 4.48 7.75 -10.77
N ALA A 253 5.05 7.13 -11.78
CA ALA A 253 6.51 7.07 -11.93
C ALA A 253 7.12 8.46 -11.98
N ALA A 254 6.50 9.36 -12.74
CA ALA A 254 7.01 10.72 -12.89
C ALA A 254 6.94 11.50 -11.59
N ALA A 255 5.82 11.36 -10.85
CA ALA A 255 5.71 12.04 -9.57
C ALA A 255 6.74 11.51 -8.61
N ALA A 256 7.01 10.20 -8.68
CA ALA A 256 8.02 9.62 -7.81
C ALA A 256 9.40 10.18 -8.16
N ARG A 257 9.69 10.32 -9.46
CA ARG A 257 10.97 10.88 -9.91
C ARG A 257 11.15 12.28 -9.38
N LEU A 258 10.09 13.12 -9.48
CA LEU A 258 10.16 14.48 -8.96
C LEU A 258 10.37 14.49 -7.47
N ALA A 259 9.70 13.57 -6.74
CA ALA A 259 9.90 13.50 -5.29
C ALA A 259 11.35 13.17 -4.94
N LEU A 260 11.92 12.18 -5.63
CA LEU A 260 13.28 11.74 -5.35
C LEU A 260 14.28 12.82 -5.70
N GLU A 261 14.04 13.53 -6.81
CA GLU A 261 14.90 14.67 -7.17
C GLU A 261 14.80 15.80 -6.16
N GLY A 262 13.62 16.02 -5.56
CA GLY A 262 13.42 17.01 -4.52
C GLY A 262 14.15 16.69 -3.23
N LEU A 263 14.43 15.41 -3.00
CA LEU A 263 15.32 14.96 -1.94
C LEU A 263 16.75 14.77 -2.43
N GLY A 264 17.10 15.33 -3.59
CA GLY A 264 18.46 15.21 -4.08
C GLY A 264 18.85 13.92 -4.79
N VAL A 265 17.88 13.07 -5.18
CA VAL A 265 18.16 11.94 -6.07
C VAL A 265 18.03 12.42 -7.53
C10 LW0 B . -3.69 -4.39 -8.60
C12 LW0 B . -9.77 -6.35 -12.15
C13 LW0 B . -11.03 -5.98 -12.57
C14 LW0 B . -11.19 -5.48 -13.85
N LW0 B . -6.68 -5.82 -11.76
C LW0 B . -7.35 -6.64 -12.55
O LW0 B . -6.92 -7.72 -12.90
C1 LW0 B . -5.81 -6.38 -10.78
C11 LW0 B . -8.70 -6.23 -13.02
C15 LW0 B . -10.12 -5.37 -14.73
C16 LW0 B . -8.84 -5.75 -14.30
C2 LW0 B . -4.41 -6.48 -11.25
C3 LW0 B . -3.90 -6.92 -12.47
C4 LW0 B . -2.51 -6.94 -12.63
C5 LW0 B . -1.62 -6.56 -11.60
C6 LW0 B . -2.12 -6.13 -10.36
C7 LW0 B . -3.51 -6.10 -10.17
C8 LW0 B . -4.28 -5.69 -8.98
C9 LW0 B . -5.71 -5.55 -9.49
F LW0 B . -12.09 -6.08 -11.73
N1 LW0 B . -3.00 -4.13 -7.47
N2 LW0 B . -2.59 -2.83 -7.53
N3 LW0 B . -2.97 -2.34 -8.67
N4 LW0 B . -3.70 -3.30 -9.37
#